data_4CX9
#
_entry.id   4CX9
#
_cell.length_a   55.300
_cell.length_b   58.279
_cell.length_c   76.137
_cell.angle_alpha   90.00
_cell.angle_beta   90.00
_cell.angle_gamma   90.00
#
_symmetry.space_group_name_H-M   'P 21 21 21'
#
loop_
_entity.id
_entity.type
_entity.pdbx_description
1 polymer 'CYTOCHROME C, CLASS II'
2 non-polymer 'NITRIC OXIDE'
3 non-polymer 'HEME C'
4 non-polymer 'SULFATE ION'
5 non-polymer GLYCEROL
6 water water
#
_entity_poly.entity_id   1
_entity_poly.type   'polypeptide(L)'
_entity_poly.pdbx_seq_one_letter_code
;NFEEPADAIEYRQAAFGLIAYNFGDMGAMLKGKKPFDAAVFSTRADNVAALSKIPHEGFIAGSDKGDTEALAKIWQDKAD
FDSKMTAFQDNAAALAVAAKSSDQNNIKQAFANTGKSCKGCHDVYKKD
;
_entity_poly.pdbx_strand_id   A,B
#
# COMPACT_ATOMS: atom_id res chain seq x y z
N ASN A 1 15.57 -1.06 7.51
CA ASN A 1 15.24 0.32 8.00
CA ASN A 1 15.31 0.29 8.06
C ASN A 1 14.38 0.37 9.27
N PHE A 2 14.00 -0.79 9.81
CA PHE A 2 13.11 -0.81 10.98
C PHE A 2 13.84 -0.52 12.28
N GLU A 3 13.27 0.41 13.04
CA GLU A 3 13.84 0.79 14.33
C GLU A 3 13.85 -0.41 15.29
N GLU A 4 12.70 -1.08 15.42
CA GLU A 4 12.56 -2.29 16.22
C GLU A 4 11.86 -3.37 15.40
N PRO A 5 12.02 -4.65 15.75
CA PRO A 5 11.29 -5.71 15.03
C PRO A 5 9.80 -5.55 15.01
N ALA A 6 9.21 -5.00 16.09
CA ALA A 6 7.80 -4.82 16.10
C ALA A 6 7.38 -3.92 14.92
N ASP A 7 8.26 -3.01 14.50
CA ASP A 7 7.91 -2.11 13.39
C ASP A 7 7.84 -2.89 12.08
N ALA A 8 8.71 -3.86 11.92
CA ALA A 8 8.70 -4.71 10.70
C ALA A 8 7.39 -5.50 10.64
N ILE A 9 6.95 -6.04 11.79
CA ILE A 9 5.70 -6.73 11.88
C ILE A 9 4.48 -5.86 11.55
N GLU A 10 4.46 -4.67 12.15
CA GLU A 10 3.37 -3.72 11.93
C GLU A 10 3.29 -3.31 10.47
N TYR A 11 4.46 -3.16 9.88
CA TYR A 11 4.56 -2.75 8.45
C TYR A 11 3.93 -3.82 7.53
N ARG A 12 4.37 -5.05 7.66
CA ARG A 12 3.82 -6.07 6.77
C ARG A 12 2.33 -6.30 7.03
N GLN A 13 1.92 -6.25 8.31
CA GLN A 13 0.50 -6.40 8.68
C GLN A 13 -0.36 -5.31 8.03
N ALA A 14 0.10 -4.06 8.12
CA ALA A 14 -0.61 -2.92 7.52
C ALA A 14 -0.76 -3.15 6.01
N ALA A 15 0.32 -3.58 5.35
CA ALA A 15 0.25 -3.78 3.88
C ALA A 15 -0.74 -4.86 3.56
N PHE A 16 -0.70 -6.00 4.28
CA PHE A 16 -1.68 -7.04 3.99
C PHE A 16 -3.13 -6.60 4.23
N GLY A 17 -3.39 -5.81 5.26
CA GLY A 17 -4.69 -5.31 5.47
C GLY A 17 -5.21 -4.48 4.30
N LEU A 18 -4.33 -3.64 3.77
CA LEU A 18 -4.75 -2.85 2.58
C LEU A 18 -4.93 -3.71 1.32
N ILE A 19 -4.10 -4.74 1.19
CA ILE A 19 -4.30 -5.71 0.11
C ILE A 19 -5.66 -6.34 0.27
N ALA A 20 -5.99 -6.79 1.48
CA ALA A 20 -7.23 -7.53 1.68
C ALA A 20 -8.47 -6.67 1.42
N TYR A 21 -8.40 -5.42 1.81
CA TYR A 21 -9.54 -4.51 1.59
C TYR A 21 -9.80 -4.36 0.05
N ASN A 22 -8.74 -4.10 -0.70
CA ASN A 22 -8.86 -3.91 -2.13
C ASN A 22 -9.23 -5.19 -2.86
N PHE A 23 -8.56 -6.29 -2.53
CA PHE A 23 -8.89 -7.61 -3.12
C PHE A 23 -10.32 -8.01 -2.79
N GLY A 24 -10.73 -7.77 -1.56
CA GLY A 24 -12.07 -8.11 -1.12
C GLY A 24 -13.16 -7.36 -1.83
N ASP A 25 -12.91 -6.08 -2.13
CA ASP A 25 -13.88 -5.29 -2.88
C ASP A 25 -14.05 -5.83 -4.30
N MET A 26 -12.95 -6.21 -4.92
CA MET A 26 -13.01 -6.82 -6.22
CA MET A 26 -12.98 -6.85 -6.25
C MET A 26 -13.80 -8.12 -6.19
N GLY A 27 -13.52 -8.94 -5.18
CA GLY A 27 -14.26 -10.20 -5.05
C GLY A 27 -15.71 -9.94 -4.84
N ALA A 28 -16.06 -8.95 -4.02
CA ALA A 28 -17.51 -8.62 -3.79
C ALA A 28 -18.20 -8.27 -5.09
N MET A 29 -17.54 -7.52 -5.97
CA MET A 29 -18.12 -7.22 -7.28
C MET A 29 -18.25 -8.41 -8.20
N LEU A 30 -17.34 -9.38 -8.10
CA LEU A 30 -17.48 -10.59 -8.93
C LEU A 30 -18.50 -11.56 -8.41
N LYS A 31 -18.77 -11.49 -7.15
CA LYS A 31 -19.61 -12.43 -6.48
C LYS A 31 -20.98 -11.89 -6.12
N GLY A 32 -21.38 -10.80 -6.76
CA GLY A 32 -22.74 -10.29 -6.64
C GLY A 32 -23.11 -9.53 -5.39
N LYS A 33 -22.11 -9.17 -4.61
CA LYS A 33 -22.35 -8.61 -3.28
C LYS A 33 -22.32 -7.10 -3.26
N LYS A 34 -21.77 -6.50 -4.31
CA LYS A 34 -22.03 -5.08 -4.52
C LYS A 34 -21.89 -4.72 -5.98
N PRO A 35 -22.36 -3.54 -6.32
CA PRO A 35 -22.45 -3.27 -7.74
C PRO A 35 -21.10 -3.30 -8.46
N PHE A 36 -21.09 -3.80 -9.70
CA PHE A 36 -19.84 -3.91 -10.45
C PHE A 36 -19.55 -2.60 -11.16
N ASP A 37 -18.33 -2.08 -10.92
CA ASP A 37 -17.86 -0.89 -11.61
C ASP A 37 -16.48 -1.24 -12.14
N ALA A 38 -16.36 -1.26 -13.48
CA ALA A 38 -15.09 -1.71 -14.11
C ALA A 38 -13.93 -0.79 -13.85
N ALA A 39 -14.19 0.50 -13.77
CA ALA A 39 -13.13 1.48 -13.47
C ALA A 39 -12.59 1.29 -12.06
N VAL A 40 -13.52 1.11 -11.11
CA VAL A 40 -13.09 0.90 -9.73
C VAL A 40 -12.38 -0.44 -9.62
N PHE A 41 -12.96 -1.48 -10.22
CA PHE A 41 -12.31 -2.80 -10.22
C PHE A 41 -10.87 -2.75 -10.71
N SER A 42 -10.70 -2.02 -11.81
CA SER A 42 -9.37 -1.83 -12.38
C SER A 42 -8.39 -1.12 -11.45
N THR A 43 -8.87 -0.03 -10.88
CA THR A 43 -7.95 0.73 -9.99
C THR A 43 -7.67 -0.09 -8.69
N ARG A 44 -8.61 -0.93 -8.28
CA ARG A 44 -8.31 -1.80 -7.14
C ARG A 44 -7.29 -2.84 -7.53
N ALA A 45 -7.39 -3.37 -8.75
CA ALA A 45 -6.40 -4.29 -9.22
C ALA A 45 -5.00 -3.65 -9.24
N ASP A 46 -4.95 -2.43 -9.75
CA ASP A 46 -3.70 -1.70 -9.74
C ASP A 46 -3.19 -1.48 -8.30
N ASN A 47 -4.10 -1.19 -7.36
CA ASN A 47 -3.72 -1.08 -5.95
C ASN A 47 -3.11 -2.37 -5.41
N VAL A 48 -3.78 -3.48 -5.70
CA VAL A 48 -3.25 -4.77 -5.28
C VAL A 48 -1.90 -5.09 -5.88
N ALA A 49 -1.75 -4.84 -7.17
CA ALA A 49 -0.48 -5.12 -7.79
C ALA A 49 0.65 -4.27 -7.17
N ALA A 50 0.38 -3.01 -6.88
CA ALA A 50 1.42 -2.18 -6.24
C ALA A 50 1.67 -2.61 -4.80
N LEU A 51 0.60 -2.86 -4.07
CA LEU A 51 0.72 -3.22 -2.70
C LEU A 51 1.39 -4.57 -2.51
N SER A 52 1.29 -5.45 -3.52
CA SER A 52 1.91 -6.75 -3.39
C SER A 52 3.41 -6.68 -3.26
N LYS A 53 4.02 -5.56 -3.66
CA LYS A 53 5.46 -5.32 -3.61
CA LYS A 53 5.46 -5.37 -3.58
C LYS A 53 5.90 -4.81 -2.23
N ILE A 54 4.95 -4.55 -1.32
CA ILE A 54 5.26 -3.86 -0.05
C ILE A 54 5.62 -4.80 1.15
N PRO A 55 4.83 -5.85 1.41
CA PRO A 55 5.01 -6.51 2.71
C PRO A 55 6.27 -7.32 2.85
N HIS A 56 6.84 -7.81 1.75
CA HIS A 56 7.99 -8.70 1.86
C HIS A 56 9.09 -8.11 2.73
N GLU A 57 9.34 -6.81 2.60
CA GLU A 57 10.40 -6.12 3.31
C GLU A 57 10.31 -6.32 4.84
N GLY A 58 9.10 -6.53 5.34
CA GLY A 58 8.90 -6.72 6.76
C GLY A 58 9.31 -8.05 7.34
N PHE A 59 9.59 -9.04 6.51
CA PHE A 59 9.91 -10.38 6.99
C PHE A 59 11.38 -10.60 7.37
N ILE A 60 11.80 -9.83 8.36
CA ILE A 60 13.18 -9.80 8.83
C ILE A 60 13.44 -10.97 9.79
N ALA A 61 14.71 -11.41 9.83
CA ALA A 61 15.08 -12.51 10.71
C ALA A 61 14.66 -12.22 12.16
N GLY A 62 14.16 -13.22 12.86
CA GLY A 62 13.83 -13.05 14.28
C GLY A 62 12.41 -12.65 14.50
N SER A 63 11.72 -12.22 13.43
CA SER A 63 10.40 -11.59 13.59
C SER A 63 9.26 -12.60 13.47
N ASP A 64 9.55 -13.87 13.71
CA ASP A 64 8.56 -14.82 14.18
C ASP A 64 8.18 -14.60 15.65
N LYS A 65 9.01 -13.85 16.36
CA LYS A 65 8.73 -13.45 17.75
C LYS A 65 8.02 -12.12 17.71
N GLY A 66 7.10 -11.89 18.62
CA GLY A 66 6.25 -10.72 18.66
C GLY A 66 4.80 -11.02 18.40
N ASP A 67 4.03 -9.93 18.30
CA ASP A 67 2.63 -10.03 18.00
C ASP A 67 2.43 -10.25 16.50
N THR A 68 2.59 -11.50 16.09
CA THR A 68 2.59 -11.89 14.67
C THR A 68 1.96 -13.23 14.45
N GLU A 69 1.36 -13.39 13.27
CA GLU A 69 0.88 -14.67 12.80
C GLU A 69 1.78 -15.34 11.78
N ALA A 70 2.95 -14.76 11.57
CA ALA A 70 3.97 -15.34 10.68
C ALA A 70 4.60 -16.51 11.40
N LEU A 71 4.67 -17.66 10.73
CA LEU A 71 5.29 -18.87 11.26
C LEU A 71 6.83 -18.81 11.08
N ALA A 72 7.55 -19.37 12.05
CA ALA A 72 8.98 -19.48 11.99
C ALA A 72 9.48 -20.20 10.71
N LYS A 73 8.65 -21.05 10.12
CA LYS A 73 8.95 -21.78 8.88
CA LYS A 73 9.09 -21.77 8.93
C LYS A 73 9.33 -20.87 7.72
N ILE A 74 8.76 -19.68 7.70
CA ILE A 74 9.21 -18.65 6.75
C ILE A 74 10.71 -18.59 6.59
N TRP A 75 11.41 -18.56 7.71
CA TRP A 75 12.85 -18.40 7.68
C TRP A 75 13.62 -19.74 7.56
N GLN A 76 12.94 -20.86 7.74
CA GLN A 76 13.49 -22.20 7.45
C GLN A 76 13.55 -22.36 5.95
N ASP A 77 12.56 -21.83 5.21
CA ASP A 77 12.38 -22.06 3.80
CA ASP A 77 12.55 -22.01 3.74
C ASP A 77 12.15 -20.70 3.09
N LYS A 78 13.03 -19.75 3.30
CA LYS A 78 12.79 -18.41 2.76
C LYS A 78 12.83 -18.40 1.24
N ALA A 79 13.60 -19.30 0.61
CA ALA A 79 13.52 -19.44 -0.85
C ALA A 79 12.11 -19.70 -1.32
N ASP A 80 11.44 -20.67 -0.71
CA ASP A 80 10.08 -20.98 -1.13
C ASP A 80 9.12 -19.83 -0.85
N PHE A 81 9.26 -19.20 0.33
CA PHE A 81 8.49 -18.01 0.66
C PHE A 81 8.67 -16.93 -0.39
N ASP A 82 9.91 -16.64 -0.75
CA ASP A 82 10.19 -15.58 -1.71
C ASP A 82 9.68 -15.96 -3.09
N SER A 83 9.72 -17.25 -3.46
CA SER A 83 9.15 -17.68 -4.76
C SER A 83 7.62 -17.41 -4.75
N LYS A 84 6.97 -17.79 -3.67
CA LYS A 84 5.53 -17.56 -3.52
C LYS A 84 5.22 -16.05 -3.58
N MET A 85 6.02 -15.27 -2.85
CA MET A 85 5.80 -13.82 -2.84
C MET A 85 5.96 -13.21 -4.25
N THR A 86 7.02 -13.57 -5.00
CA THR A 86 7.15 -13.03 -6.32
C THR A 86 6.11 -13.53 -7.30
N ALA A 87 5.68 -14.77 -7.15
CA ALA A 87 4.59 -15.30 -7.95
C ALA A 87 3.30 -14.54 -7.67
N PHE A 88 3.10 -14.18 -6.39
CA PHE A 88 1.95 -13.33 -6.01
C PHE A 88 1.99 -11.98 -6.73
N GLN A 89 3.17 -11.34 -6.66
CA GLN A 89 3.39 -10.08 -7.39
C GLN A 89 3.07 -10.26 -8.88
N ASP A 90 3.49 -11.37 -9.49
CA ASP A 90 3.21 -11.66 -10.91
C ASP A 90 1.72 -11.88 -11.19
N ASN A 91 1.06 -12.64 -10.33
CA ASN A 91 -0.37 -12.88 -10.50
C ASN A 91 -1.18 -11.60 -10.30
N ALA A 92 -0.79 -10.79 -9.33
CA ALA A 92 -1.48 -9.51 -9.11
C ALA A 92 -1.29 -8.59 -10.33
N ALA A 93 -0.05 -8.52 -10.86
CA ALA A 93 0.16 -7.71 -12.07
C ALA A 93 -0.71 -8.22 -13.25
N ALA A 94 -0.86 -9.53 -13.38
CA ALA A 94 -1.67 -10.12 -14.42
C ALA A 94 -3.16 -9.79 -14.25
N LEU A 95 -3.65 -9.81 -13.01
CA LEU A 95 -5.00 -9.39 -12.71
C LEU A 95 -5.20 -7.92 -13.08
N ALA A 96 -4.24 -7.07 -12.73
CA ALA A 96 -4.35 -5.66 -13.16
C ALA A 96 -4.42 -5.50 -14.70
N VAL A 97 -3.64 -6.30 -15.43
CA VAL A 97 -3.77 -6.29 -16.88
C VAL A 97 -5.13 -6.77 -17.35
N ALA A 98 -5.58 -7.89 -16.80
CA ALA A 98 -6.88 -8.47 -17.20
C ALA A 98 -7.98 -7.44 -16.97
N ALA A 99 -7.86 -6.69 -15.88
CA ALA A 99 -8.88 -5.70 -15.52
C ALA A 99 -8.99 -4.53 -16.46
N LYS A 100 -8.02 -4.32 -17.32
CA LYS A 100 -8.10 -3.33 -18.40
C LYS A 100 -8.87 -3.80 -19.62
N SER A 101 -9.45 -4.98 -19.55
CA SER A 101 -10.25 -5.57 -20.64
C SER A 101 -11.65 -5.75 -20.09
N SER A 102 -12.59 -6.09 -20.97
CA SER A 102 -13.93 -6.53 -20.53
C SER A 102 -14.19 -8.02 -20.66
N ASP A 103 -13.12 -8.80 -20.79
CA ASP A 103 -13.20 -10.25 -20.88
C ASP A 103 -13.46 -10.78 -19.49
N GLN A 104 -14.72 -11.03 -19.16
CA GLN A 104 -15.06 -11.33 -17.78
C GLN A 104 -14.54 -12.70 -17.40
N ASN A 105 -14.50 -13.66 -18.32
CA ASN A 105 -13.99 -14.99 -18.00
CA ASN A 105 -13.94 -15.01 -18.08
C ASN A 105 -12.47 -14.94 -17.67
N ASN A 106 -11.71 -14.15 -18.42
CA ASN A 106 -10.30 -14.01 -18.08
CA ASN A 106 -10.28 -13.91 -18.12
C ASN A 106 -10.13 -13.30 -16.73
N ILE A 107 -10.96 -12.29 -16.46
CA ILE A 107 -10.83 -11.56 -15.19
C ILE A 107 -11.16 -12.48 -14.04
N LYS A 108 -12.21 -13.29 -14.17
CA LYS A 108 -12.56 -14.21 -13.07
C LYS A 108 -11.42 -15.18 -12.76
N GLN A 109 -10.85 -15.71 -13.81
CA GLN A 109 -9.72 -16.64 -13.66
C GLN A 109 -8.45 -15.96 -13.15
N ALA A 110 -8.18 -14.73 -13.59
CA ALA A 110 -7.05 -13.99 -13.03
C ALA A 110 -7.22 -13.71 -11.56
N PHE A 111 -8.45 -13.40 -11.18
CA PHE A 111 -8.77 -13.16 -9.76
C PHE A 111 -8.53 -14.46 -9.00
N ALA A 112 -9.03 -15.58 -9.55
CA ALA A 112 -8.82 -16.86 -8.88
C ALA A 112 -7.34 -17.20 -8.79
N ASN A 113 -6.57 -16.92 -9.82
CA ASN A 113 -5.15 -17.22 -9.76
C ASN A 113 -4.48 -16.43 -8.61
N THR A 114 -4.87 -15.17 -8.48
CA THR A 114 -4.28 -14.32 -7.40
C THR A 114 -4.75 -14.83 -6.03
N GLY A 115 -6.01 -15.24 -5.91
CA GLY A 115 -6.50 -15.78 -4.65
C GLY A 115 -5.77 -17.08 -4.23
N LYS A 116 -5.44 -17.91 -5.21
CA LYS A 116 -4.63 -19.09 -4.97
CA LYS A 116 -4.63 -19.11 -4.99
C LYS A 116 -3.26 -18.77 -4.42
N SER A 117 -2.63 -17.66 -4.86
CA SER A 117 -1.41 -17.15 -4.24
CA SER A 117 -1.41 -17.21 -4.22
C SER A 117 -1.64 -16.86 -2.74
N CYS A 118 -2.71 -16.16 -2.40
CA CYS A 118 -3.00 -15.90 -1.01
C CYS A 118 -3.11 -17.19 -0.23
N LYS A 119 -3.91 -18.14 -0.72
CA LYS A 119 -4.22 -19.32 0.05
C LYS A 119 -2.96 -20.19 0.20
N GLY A 120 -2.18 -20.27 -0.86
CA GLY A 120 -1.03 -21.15 -0.89
C GLY A 120 0.00 -20.71 0.10
N CYS A 121 0.21 -19.39 0.23
CA CYS A 121 1.07 -18.94 1.24
C CYS A 121 0.52 -19.00 2.66
N HIS A 122 -0.73 -18.56 2.84
CA HIS A 122 -1.44 -18.70 4.08
C HIS A 122 -1.30 -20.10 4.68
N ASP A 123 -1.55 -21.11 3.86
CA ASP A 123 -1.66 -22.47 4.35
C ASP A 123 -0.29 -22.95 4.86
N VAL A 124 0.79 -22.48 4.28
CA VAL A 124 2.13 -22.92 4.65
C VAL A 124 2.75 -22.02 5.73
N TYR A 125 2.55 -20.72 5.68
CA TYR A 125 3.40 -19.77 6.40
C TYR A 125 2.69 -18.87 7.45
N LYS A 126 1.37 -18.98 7.57
CA LYS A 126 0.57 -18.18 8.53
C LYS A 126 -0.13 -19.08 9.51
N LYS A 127 -0.13 -18.68 10.79
CA LYS A 127 -0.85 -19.41 11.85
C LYS A 127 -2.34 -19.59 11.50
N ASP A 128 -2.89 -20.72 11.88
CA ASP A 128 -4.30 -21.03 11.58
C ASP A 128 -5.22 -19.96 12.16
N ASN B 1 -17.85 1.09 1.94
CA ASN B 1 -17.20 -0.23 2.18
C ASN B 1 -16.69 -0.57 3.60
N PHE B 2 -16.69 0.41 4.51
CA PHE B 2 -16.24 0.16 5.87
C PHE B 2 -17.44 -0.22 6.74
N GLU B 3 -17.32 -1.33 7.44
CA GLU B 3 -18.40 -1.80 8.32
C GLU B 3 -18.55 -0.83 9.53
N GLU B 4 -17.43 -0.46 10.17
CA GLU B 4 -17.43 0.43 11.31
C GLU B 4 -16.43 1.54 11.07
N PRO B 5 -16.61 2.69 11.74
CA PRO B 5 -15.61 3.78 11.57
C PRO B 5 -14.16 3.36 11.90
N ALA B 6 -14.00 2.48 12.88
CA ALA B 6 -12.62 2.09 13.27
C ALA B 6 -11.91 1.47 12.07
N ASP B 7 -12.66 0.79 11.19
CA ASP B 7 -12.07 0.15 10.00
C ASP B 7 -11.55 1.21 9.00
N ALA B 8 -12.29 2.29 8.80
CA ALA B 8 -11.86 3.41 7.94
C ALA B 8 -10.64 4.09 8.52
N ILE B 9 -10.62 4.25 9.85
CA ILE B 9 -9.48 4.87 10.53
C ILE B 9 -8.25 3.97 10.36
N GLU B 10 -8.42 2.69 10.65
CA GLU B 10 -7.27 1.77 10.53
C GLU B 10 -6.74 1.79 9.09
N TYR B 11 -7.64 1.81 8.12
CA TYR B 11 -7.24 1.80 6.68
C TYR B 11 -6.37 3.01 6.36
N ARG B 12 -6.84 4.21 6.73
CA ARG B 12 -6.08 5.39 6.40
C ARG B 12 -4.78 5.54 7.20
N GLN B 13 -4.78 5.13 8.48
CA GLN B 13 -3.57 5.11 9.29
C GLN B 13 -2.53 4.13 8.75
N ALA B 14 -2.99 2.96 8.33
CA ALA B 14 -2.06 1.98 7.77
C ALA B 14 -1.41 2.53 6.52
N ALA B 15 -2.23 3.11 5.64
CA ALA B 15 -1.67 3.68 4.40
C ALA B 15 -0.66 4.78 4.71
N PHE B 16 -0.99 5.73 5.59
CA PHE B 16 -0.03 6.79 5.85
C PHE B 16 1.22 6.28 6.54
N GLY B 17 1.14 5.28 7.42
CA GLY B 17 2.34 4.69 7.98
C GLY B 17 3.27 4.08 6.95
N LEU B 18 2.70 3.42 5.95
CA LEU B 18 3.51 2.90 4.83
C LEU B 18 4.09 4.03 3.99
N ILE B 19 3.30 5.06 3.75
CA ILE B 19 3.79 6.24 3.04
C ILE B 19 4.99 6.82 3.75
N ALA B 20 4.86 7.00 5.05
CA ALA B 20 5.90 7.73 5.85
C ALA B 20 7.21 6.92 5.85
N TYR B 21 7.11 5.60 5.88
CA TYR B 21 8.31 4.78 5.93
C TYR B 21 9.07 4.89 4.60
N ASN B 22 8.33 4.79 3.51
CA ASN B 22 8.92 4.85 2.19
C ASN B 22 9.42 6.26 1.85
N PHE B 23 8.61 7.27 2.19
CA PHE B 23 9.02 8.64 1.98
C PHE B 23 10.25 9.02 2.83
N GLY B 24 10.29 8.52 4.04
CA GLY B 24 11.43 8.82 4.94
C GLY B 24 12.72 8.21 4.42
N ASP B 25 12.66 7.07 3.73
CA ASP B 25 13.89 6.49 3.15
C ASP B 25 14.44 7.37 2.03
N MET B 26 13.59 7.94 1.20
CA MET B 26 14.01 8.91 0.19
C MET B 26 14.63 10.13 0.89
N GLY B 27 13.96 10.60 1.94
CA GLY B 27 14.50 11.77 2.70
C GLY B 27 15.91 11.46 3.24
N ALA B 28 16.08 10.27 3.80
CA ALA B 28 17.39 9.85 4.35
C ALA B 28 18.47 9.90 3.29
N MET B 29 18.15 9.43 2.10
CA MET B 29 19.10 9.53 1.00
C MET B 29 19.39 10.96 0.58
N LEU B 30 18.39 11.81 0.51
CA LEU B 30 18.64 13.19 0.05
C LEU B 30 19.28 14.06 1.11
N LYS B 31 19.10 13.72 2.38
CA LYS B 31 19.58 14.56 3.49
C LYS B 31 21.01 14.16 3.83
N GLY B 32 21.49 13.05 3.25
CA GLY B 32 22.81 12.50 3.56
C GLY B 32 22.94 11.57 4.74
N LYS B 33 21.82 11.10 5.30
CA LYS B 33 21.87 10.10 6.38
C LYS B 33 22.40 8.77 5.82
N LYS B 34 22.08 8.50 4.55
CA LYS B 34 22.57 7.29 3.85
C LYS B 34 22.83 7.67 2.41
N PRO B 35 23.71 6.91 1.69
CA PRO B 35 24.10 7.32 0.34
C PRO B 35 22.91 7.15 -0.58
N PHE B 36 22.83 8.00 -1.58
CA PHE B 36 21.81 7.95 -2.58
C PHE B 36 22.04 6.67 -3.40
N ASP B 37 20.98 5.84 -3.51
CA ASP B 37 21.01 4.58 -4.28
C ASP B 37 19.84 4.67 -5.26
N ALA B 38 20.13 4.88 -6.55
CA ALA B 38 19.11 5.19 -7.50
C ALA B 38 18.03 4.06 -7.54
N ALA B 39 18.47 2.82 -7.43
CA ALA B 39 17.55 1.68 -7.60
C ALA B 39 16.56 1.62 -6.43
N VAL B 40 17.05 1.77 -5.20
CA VAL B 40 16.18 1.77 -4.05
C VAL B 40 15.28 3.02 -4.07
N PHE B 41 15.90 4.16 -4.37
CA PHE B 41 15.15 5.42 -4.44
C PHE B 41 13.94 5.29 -5.39
N SER B 42 14.15 4.70 -6.55
CA SER B 42 13.02 4.55 -7.47
CA SER B 42 13.03 4.48 -7.52
C SER B 42 11.90 3.62 -6.94
N THR B 43 12.26 2.52 -6.29
CA THR B 43 11.29 1.70 -5.63
C THR B 43 10.52 2.48 -4.57
N ARG B 44 11.25 3.26 -3.77
CA ARG B 44 10.58 4.05 -2.74
C ARG B 44 9.60 5.06 -3.36
N ALA B 45 10.03 5.71 -4.46
CA ALA B 45 9.21 6.72 -5.13
C ALA B 45 7.96 6.09 -5.76
N ASP B 46 8.13 4.93 -6.36
CA ASP B 46 7.02 4.19 -6.95
C ASP B 46 6.04 3.82 -5.85
N ASN B 47 6.57 3.34 -4.74
CA ASN B 47 5.73 2.97 -3.60
C ASN B 47 4.93 4.16 -3.04
N VAL B 48 5.55 5.32 -2.85
CA VAL B 48 4.82 6.48 -2.36
C VAL B 48 3.74 6.88 -3.37
N ALA B 49 4.06 6.85 -4.65
CA ALA B 49 3.08 7.30 -5.64
C ALA B 49 1.86 6.34 -5.59
N ALA B 50 2.10 5.04 -5.55
CA ALA B 50 0.97 4.09 -5.51
C ALA B 50 0.18 4.19 -4.21
N LEU B 51 0.90 4.30 -3.10
CA LEU B 51 0.27 4.39 -1.79
C LEU B 51 -0.52 5.68 -1.64
N SER B 52 -0.08 6.75 -2.32
CA SER B 52 -0.84 8.02 -2.25
C SER B 52 -2.28 7.86 -2.74
N LYS B 53 -2.54 6.84 -3.53
CA LYS B 53 -3.88 6.64 -4.09
C LYS B 53 -4.83 6.05 -3.05
N ILE B 54 -4.30 5.64 -1.90
CA ILE B 54 -5.04 4.80 -0.96
C ILE B 54 -5.82 5.54 0.15
N PRO B 55 -5.20 6.47 0.90
CA PRO B 55 -5.85 6.75 2.19
C PRO B 55 -7.11 7.61 2.06
N HIS B 56 -7.29 8.34 0.96
CA HIS B 56 -8.42 9.26 0.87
CA HIS B 56 -8.42 9.26 0.86
C HIS B 56 -9.74 8.56 1.15
N GLU B 57 -9.88 7.35 0.63
CA GLU B 57 -11.11 6.58 0.78
C GLU B 57 -11.49 6.38 2.23
N GLY B 58 -10.50 6.41 3.13
CA GLY B 58 -10.82 6.17 4.55
C GLY B 58 -11.43 7.34 5.30
N PHE B 59 -11.43 8.51 4.70
CA PHE B 59 -11.93 9.77 5.36
C PHE B 59 -13.44 9.93 5.20
N ILE B 60 -14.14 8.93 5.75
CA ILE B 60 -15.61 8.91 5.66
C ILE B 60 -16.24 9.84 6.67
N ALA B 61 -17.43 10.34 6.34
CA ALA B 61 -18.18 11.17 7.24
C ALA B 61 -18.43 10.34 8.50
N GLY B 62 -18.27 10.95 9.64
CA GLY B 62 -18.57 10.31 10.90
C GLY B 62 -17.42 9.46 11.45
N SER B 63 -16.18 9.79 11.06
CA SER B 63 -15.00 9.03 11.51
C SER B 63 -13.96 9.93 12.21
N ASP B 64 -14.41 11.01 12.83
CA ASP B 64 -13.57 11.86 13.66
C ASP B 64 -13.53 11.46 15.14
N LYS B 65 -14.30 10.46 15.54
CA LYS B 65 -14.37 10.07 16.94
C LYS B 65 -13.42 8.90 17.17
N GLY B 66 -13.01 8.70 18.42
CA GLY B 66 -12.16 7.57 18.74
C GLY B 66 -10.70 7.75 18.42
N ASP B 67 -10.03 6.64 18.19
CA ASP B 67 -8.59 6.62 18.15
C ASP B 67 -8.13 7.06 16.75
N THR B 68 -8.19 8.35 16.50
CA THR B 68 -7.77 8.95 15.23
C THR B 68 -7.14 10.28 15.51
N GLU B 69 -6.18 10.67 14.68
CA GLU B 69 -5.59 11.99 14.73
C GLU B 69 -6.23 12.95 13.70
N ALA B 70 -7.22 12.45 12.98
CA ALA B 70 -7.95 13.29 12.01
C ALA B 70 -8.79 14.31 12.77
N LEU B 71 -8.70 15.58 12.37
CA LEU B 71 -9.56 16.62 12.95
C LEU B 71 -10.94 16.71 12.30
N ALA B 72 -11.91 17.16 13.09
CA ALA B 72 -13.26 17.41 12.59
C ALA B 72 -13.25 18.45 11.44
N LYS B 73 -12.28 19.36 11.46
CA LYS B 73 -12.08 20.32 10.37
C LYS B 73 -12.07 19.72 8.95
N ILE B 74 -11.58 18.48 8.80
CA ILE B 74 -11.57 17.78 7.51
C ILE B 74 -12.96 17.84 6.89
N TRP B 75 -13.98 17.51 7.71
CA TRP B 75 -15.33 17.39 7.19
C TRP B 75 -16.07 18.72 7.16
N GLN B 76 -15.54 19.74 7.80
CA GLN B 76 -16.05 21.11 7.67
C GLN B 76 -15.61 21.75 6.36
N ASP B 77 -14.39 21.42 5.91
CA ASP B 77 -13.73 22.01 4.76
C ASP B 77 -13.23 20.90 3.82
N LYS B 78 -14.12 20.00 3.47
CA LYS B 78 -13.69 18.77 2.76
C LYS B 78 -13.12 19.07 1.42
N ALA B 79 -13.63 20.13 0.76
CA ALA B 79 -13.13 20.40 -0.59
C ALA B 79 -11.65 20.86 -0.53
N ASP B 80 -11.27 21.58 0.54
CA ASP B 80 -9.89 21.98 0.70
C ASP B 80 -9.03 20.77 1.03
N PHE B 81 -9.51 19.92 1.94
CA PHE B 81 -8.79 18.67 2.24
C PHE B 81 -8.55 17.89 0.93
N ASP B 82 -9.61 17.75 0.13
CA ASP B 82 -9.55 16.99 -1.11
C ASP B 82 -8.57 17.61 -2.13
N SER B 83 -8.53 18.93 -2.19
CA SER B 83 -7.62 19.64 -3.01
C SER B 83 -6.15 19.37 -2.60
N LYS B 84 -5.90 19.42 -1.30
CA LYS B 84 -4.57 19.04 -0.79
C LYS B 84 -4.23 17.59 -1.09
N MET B 85 -5.19 16.67 -0.94
CA MET B 85 -4.92 15.27 -1.20
C MET B 85 -4.60 15.03 -2.66
N THR B 86 -5.38 15.65 -3.53
CA THR B 86 -5.09 15.55 -4.96
C THR B 86 -3.70 16.09 -5.34
N ALA B 87 -3.36 17.23 -4.75
CA ALA B 87 -2.07 17.85 -5.03
C ALA B 87 -0.95 16.92 -4.54
N PHE B 88 -1.18 16.31 -3.39
CA PHE B 88 -0.21 15.31 -2.91
C PHE B 88 -0.04 14.16 -3.87
N GLN B 89 -1.14 13.58 -4.34
CA GLN B 89 -1.05 12.49 -5.32
C GLN B 89 -0.29 12.89 -6.57
N ASP B 90 -0.58 14.09 -7.07
CA ASP B 90 0.06 14.55 -8.30
C ASP B 90 1.57 14.78 -8.05
N ASN B 91 1.90 15.33 -6.88
CA ASN B 91 3.32 15.59 -6.52
C ASN B 91 4.08 14.24 -6.38
N ALA B 92 3.43 13.26 -5.75
CA ALA B 92 4.06 11.96 -5.62
C ALA B 92 4.30 11.29 -6.93
N ALA B 93 3.33 11.39 -7.84
CA ALA B 93 3.51 10.88 -9.19
C ALA B 93 4.71 11.56 -9.91
N ALA B 94 4.82 12.88 -9.70
CA ALA B 94 5.91 13.64 -10.35
C ALA B 94 7.27 13.19 -9.81
N LEU B 95 7.31 12.86 -8.53
CA LEU B 95 8.54 12.34 -7.85
C LEU B 95 8.91 10.97 -8.40
N ALA B 96 7.92 10.10 -8.58
CA ALA B 96 8.20 8.84 -9.23
C ALA B 96 8.77 8.96 -10.63
N VAL B 97 8.22 9.86 -11.42
CA VAL B 97 8.76 10.05 -12.78
C VAL B 97 10.19 10.62 -12.68
N ALA B 98 10.44 11.57 -11.78
CA ALA B 98 11.78 12.19 -11.65
C ALA B 98 12.80 11.11 -11.28
N ALA B 99 12.40 10.19 -10.39
CA ALA B 99 13.26 9.12 -9.96
C ALA B 99 13.61 8.08 -11.04
N LYS B 100 12.96 8.11 -12.18
CA LYS B 100 13.34 7.27 -13.33
C LYS B 100 14.47 7.85 -14.15
N SER B 101 14.89 9.06 -13.85
CA SER B 101 16.03 9.68 -14.55
C SER B 101 17.16 10.02 -13.61
N SER B 102 18.26 10.50 -14.19
CA SER B 102 19.45 10.71 -13.41
C SER B 102 19.55 12.13 -12.82
N ASP B 103 18.82 13.12 -13.40
CA ASP B 103 18.87 14.51 -12.93
C ASP B 103 18.55 14.69 -11.45
N GLN B 104 19.59 14.96 -10.67
CA GLN B 104 19.43 15.01 -9.23
C GLN B 104 18.61 16.19 -8.75
N ASN B 105 18.79 17.31 -9.42
CA ASN B 105 18.05 18.46 -9.03
C ASN B 105 16.56 18.33 -9.23
N ASN B 106 16.17 17.70 -10.34
CA ASN B 106 14.77 17.42 -10.57
C ASN B 106 14.14 16.52 -9.49
N ILE B 107 14.87 15.48 -9.10
CA ILE B 107 14.48 14.70 -7.90
C ILE B 107 14.36 15.48 -6.61
N LYS B 108 15.36 16.32 -6.28
CA LYS B 108 15.35 17.10 -5.06
C LYS B 108 14.10 18.01 -4.93
N GLN B 109 13.81 18.71 -6.02
CA GLN B 109 12.64 19.63 -6.09
C GLN B 109 11.33 18.81 -5.97
N ALA B 110 11.25 17.70 -6.69
CA ALA B 110 10.01 16.90 -6.63
C ALA B 110 9.76 16.35 -5.23
N PHE B 111 10.84 15.95 -4.57
CA PHE B 111 10.76 15.48 -3.20
C PHE B 111 10.30 16.58 -2.27
N ALA B 112 10.89 17.77 -2.41
CA ALA B 112 10.52 18.90 -1.61
C ALA B 112 9.03 19.30 -1.78
N ASN B 113 8.55 19.25 -3.01
CA ASN B 113 7.19 19.65 -3.34
C ASN B 113 6.26 18.62 -2.64
N THR B 114 6.66 17.36 -2.72
CA THR B 114 5.85 16.33 -2.07
C THR B 114 5.84 16.50 -0.55
N GLY B 115 6.99 16.81 0.03
CA GLY B 115 7.09 17.06 1.44
C GLY B 115 6.25 18.21 1.94
N LYS B 116 6.19 19.25 1.13
CA LYS B 116 5.35 20.42 1.44
C LYS B 116 3.87 20.02 1.48
N SER B 117 3.46 19.08 0.65
CA SER B 117 2.11 18.50 0.79
C SER B 117 1.85 17.89 2.11
N CYS B 118 2.78 17.07 2.59
CA CYS B 118 2.57 16.46 3.89
C CYS B 118 2.35 17.49 4.97
N LYS B 119 3.23 18.48 4.99
CA LYS B 119 3.22 19.44 6.08
C LYS B 119 1.97 20.32 6.04
N GLY B 120 1.60 20.71 4.83
CA GLY B 120 0.47 21.63 4.59
C GLY B 120 -0.83 21.03 5.08
N CYS B 121 -0.99 19.72 4.84
CA CYS B 121 -2.14 19.05 5.33
C CYS B 121 -2.07 18.75 6.82
N HIS B 122 -0.93 18.21 7.27
CA HIS B 122 -0.67 18.00 8.68
C HIS B 122 -1.05 19.24 9.55
N ASP B 123 -0.57 20.40 9.12
CA ASP B 123 -0.76 21.63 9.90
C ASP B 123 -2.22 22.01 10.11
N VAL B 124 -3.07 21.72 9.12
CA VAL B 124 -4.50 22.09 9.20
C VAL B 124 -5.44 20.97 9.69
N TYR B 125 -5.13 19.72 9.32
CA TYR B 125 -6.12 18.65 9.44
C TYR B 125 -5.76 17.50 10.39
N LYS B 126 -4.57 17.53 11.01
CA LYS B 126 -4.16 16.47 11.91
C LYS B 126 -3.88 17.06 13.27
N LYS B 127 -4.20 16.28 14.31
CA LYS B 127 -3.91 16.68 15.67
C LYS B 127 -2.41 16.91 15.82
N ASP B 128 -2.06 17.86 16.69
CA ASP B 128 -0.65 18.28 16.77
C ASP B 128 0.21 17.05 17.08
#